data_3D6Z
#
_entry.id   3D6Z
#
_cell.length_a   106.500
_cell.length_b   106.500
_cell.length_c   146.140
_cell.angle_alpha   90.00
_cell.angle_beta   90.00
_cell.angle_gamma   90.00
#
_symmetry.space_group_name_H-M   'P 43 2 2'
#
loop_
_entity.id
_entity.type
_entity.pdbx_description
1 polymer 'BMR promoter DNA'
2 polymer 'Multidrug-efflux transporter 1 regulator'
3 non-polymer GLYCEROL
4 non-polymer 'RHODAMINE 6G'
5 water water
#
loop_
_entity_poly.entity_id
_entity_poly.type
_entity_poly.pdbx_seq_one_letter_code
_entity_poly.pdbx_strand_id
1 'polydeoxyribonucleotide'
;(DT)(DG)(DA)(DC)(DC)(DC)(DT)(DC)(DC)(DC)(DC)(DT)(DT)(DA)(DG)(DG)(DG)(DG)(DA)(DG)
(DG)(DG)(DT)(DC)
;
B
2 'polypeptide(L)'
;MKESYYSIGEVSKLANVSIKALRYYDKIDLFKPAYVDPDTSYRYYTDSQLIHLDLIKSLKYIGTPLEEMKKAQDLEMEEL
FAFYTEQERQIREKLDFLSALEQTISLVKKRMKRQMEYPALGEVFVLDEEEIRIIQTEAEGIGPENVLNASYSKLKKFIE
SADGFTNNSYGATFSFQPYTSIDEMTYRHIFTPVLTNKQISSITPDMEITTIPKGRYACIAYNFSPEHYFLNLQKLIKYI
ADRQLTVVSDVYELIIPIHYSPKKQEEYRVEMKIEILDHHHHHH
;
A
#
# COMPACT_ATOMS: atom_id res chain seq x y z
N LYS B 2 -40.81 -30.51 23.97
CA LYS B 2 -41.03 -30.41 22.49
C LYS B 2 -40.90 -31.76 21.81
N GLU B 3 -42.02 -32.28 21.31
CA GLU B 3 -42.04 -33.58 20.65
C GLU B 3 -42.68 -33.48 19.27
N SER B 4 -42.17 -32.52 18.49
CA SER B 4 -42.60 -32.24 17.14
C SER B 4 -41.35 -32.25 16.27
N TYR B 5 -41.10 -31.15 15.58
CA TYR B 5 -39.96 -31.05 14.70
C TYR B 5 -40.12 -29.77 13.92
N TYR B 6 -39.03 -29.07 13.70
CA TYR B 6 -39.11 -27.86 12.90
C TYR B 6 -38.70 -28.22 11.48
N SER B 7 -39.31 -27.56 10.51
CA SER B 7 -38.98 -27.78 9.10
C SER B 7 -37.83 -26.80 8.82
N ILE B 8 -37.14 -27.00 7.69
CA ILE B 8 -36.02 -26.16 7.33
C ILE B 8 -36.42 -24.69 7.43
N GLY B 9 -37.57 -24.35 6.85
CA GLY B 9 -38.03 -22.97 6.87
C GLY B 9 -38.22 -22.44 8.28
N GLU B 10 -38.70 -23.30 9.17
CA GLU B 10 -38.93 -22.89 10.54
C GLU B 10 -37.62 -22.58 11.24
N VAL B 11 -36.62 -23.43 11.07
CA VAL B 11 -35.32 -23.19 11.68
C VAL B 11 -34.77 -21.88 11.11
N SER B 12 -34.85 -21.75 9.80
CA SER B 12 -34.36 -20.55 9.12
C SER B 12 -34.90 -19.28 9.75
N LYS B 13 -36.23 -19.23 9.92
CA LYS B 13 -36.88 -18.07 10.50
C LYS B 13 -36.51 -17.88 11.98
N LEU B 14 -36.36 -18.98 12.71
CA LEU B 14 -36.03 -18.92 14.13
C LEU B 14 -34.59 -18.53 14.43
N ALA B 15 -33.65 -19.07 13.65
CA ALA B 15 -32.23 -18.81 13.91
C ALA B 15 -31.63 -17.71 13.08
N ASN B 16 -32.42 -17.17 12.15
CA ASN B 16 -31.95 -16.10 11.28
C ASN B 16 -30.76 -16.62 10.45
N VAL B 17 -30.98 -17.73 9.79
CA VAL B 17 -29.96 -18.35 8.95
C VAL B 17 -30.72 -18.80 7.69
N SER B 18 -30.15 -18.55 6.52
CA SER B 18 -30.82 -18.92 5.27
C SER B 18 -31.03 -20.41 5.15
N ILE B 19 -32.06 -20.78 4.39
CA ILE B 19 -32.37 -22.18 4.16
C ILE B 19 -31.17 -22.80 3.44
N LYS B 20 -30.64 -22.05 2.47
CA LYS B 20 -29.49 -22.51 1.69
C LYS B 20 -28.34 -22.83 2.64
N ALA B 21 -28.17 -21.96 3.63
CA ALA B 21 -27.10 -22.13 4.62
C ALA B 21 -27.27 -23.46 5.36
N LEU B 22 -28.50 -23.71 5.82
CA LEU B 22 -28.79 -24.94 6.53
C LEU B 22 -28.51 -26.15 5.64
N ARG B 23 -28.99 -26.13 4.41
CA ARG B 23 -28.70 -27.27 3.52
C ARG B 23 -27.20 -27.44 3.39
N TYR B 24 -26.48 -26.33 3.25
CA TYR B 24 -25.02 -26.40 3.10
C TYR B 24 -24.35 -26.93 4.36
N TYR B 25 -24.77 -26.43 5.52
CA TYR B 25 -24.16 -26.90 6.76
C TYR B 25 -24.47 -28.38 6.92
N ASP B 26 -25.55 -28.82 6.27
CA ASP B 26 -25.94 -30.23 6.31
C ASP B 26 -24.92 -31.01 5.49
N LYS B 27 -24.76 -30.64 4.22
CA LYS B 27 -23.80 -31.30 3.32
C LYS B 27 -22.39 -31.34 3.91
N ILE B 28 -21.97 -30.22 4.48
CA ILE B 28 -20.64 -30.10 5.07
C ILE B 28 -20.50 -30.99 6.31
N ASP B 29 -21.63 -31.41 6.86
CA ASP B 29 -21.66 -32.22 8.08
C ASP B 29 -21.26 -31.35 9.27
N LEU B 30 -21.69 -30.09 9.23
CA LEU B 30 -21.44 -29.14 10.31
C LEU B 30 -22.67 -29.13 11.23
N PHE B 31 -23.84 -29.03 10.63
CA PHE B 31 -25.09 -29.00 11.36
C PHE B 31 -26.08 -29.82 10.53
N LYS B 32 -26.42 -31.01 11.01
CA LYS B 32 -27.32 -31.89 10.26
C LYS B 32 -28.67 -32.04 10.94
N PRO B 33 -29.76 -32.06 10.15
CA PRO B 33 -31.09 -32.20 10.76
C PRO B 33 -31.19 -33.51 11.53
N ALA B 34 -31.95 -33.50 12.62
CA ALA B 34 -32.12 -34.68 13.44
C ALA B 34 -32.76 -35.80 12.64
N TYR B 35 -33.64 -35.43 11.72
CA TYR B 35 -34.35 -36.41 10.91
C TYR B 35 -34.58 -35.98 9.48
N VAL B 36 -34.41 -36.94 8.57
CA VAL B 36 -34.65 -36.68 7.17
C VAL B 36 -35.66 -37.70 6.68
N ASP B 37 -36.80 -37.20 6.21
CA ASP B 37 -37.86 -38.05 5.69
C ASP B 37 -37.24 -38.90 4.59
N PRO B 38 -37.27 -40.22 4.75
CA PRO B 38 -36.72 -41.17 3.79
C PRO B 38 -37.34 -41.14 2.40
N ASP B 39 -38.47 -40.45 2.25
CA ASP B 39 -39.14 -40.38 0.96
C ASP B 39 -39.04 -39.01 0.31
N THR B 40 -39.53 -38.00 1.01
CA THR B 40 -39.52 -36.64 0.50
C THR B 40 -38.14 -35.97 0.63
N SER B 41 -37.32 -36.52 1.51
CA SER B 41 -35.99 -35.96 1.75
C SER B 41 -36.04 -34.67 2.57
N TYR B 42 -37.24 -34.25 2.96
CA TYR B 42 -37.40 -33.04 3.77
C TYR B 42 -36.52 -33.14 5.02
N ARG B 43 -35.92 -32.02 5.42
CA ARG B 43 -35.06 -31.99 6.60
C ARG B 43 -35.88 -31.56 7.82
N TYR B 44 -35.70 -32.26 8.95
CA TYR B 44 -36.42 -31.94 10.18
C TYR B 44 -35.48 -31.80 11.35
N TYR B 45 -35.71 -30.76 12.15
CA TYR B 45 -34.82 -30.46 13.29
C TYR B 45 -35.52 -30.46 14.63
N THR B 46 -34.80 -30.89 15.68
CA THR B 46 -35.36 -30.87 17.04
C THR B 46 -35.06 -29.49 17.62
N ASP B 47 -35.86 -29.05 18.59
CA ASP B 47 -35.66 -27.75 19.25
C ASP B 47 -34.34 -27.73 20.02
N SER B 48 -34.02 -28.84 20.69
CA SER B 48 -32.80 -28.92 21.50
C SER B 48 -31.55 -28.71 20.66
N GLN B 49 -31.65 -29.11 19.41
CA GLN B 49 -30.56 -29.03 18.45
C GLN B 49 -30.21 -27.60 18.03
N LEU B 50 -31.18 -26.69 18.13
CA LEU B 50 -30.96 -25.30 17.76
C LEU B 50 -29.80 -24.66 18.50
N ILE B 51 -29.51 -25.15 19.71
CA ILE B 51 -28.44 -24.60 20.51
C ILE B 51 -27.10 -24.62 19.76
N HIS B 52 -26.90 -25.63 18.92
CA HIS B 52 -25.65 -25.74 18.17
C HIS B 52 -25.40 -24.61 17.16
N LEU B 53 -26.46 -23.92 16.75
CA LEU B 53 -26.28 -22.82 15.80
C LEU B 53 -25.67 -21.61 16.50
N ASP B 54 -25.65 -21.64 17.83
CA ASP B 54 -25.09 -20.54 18.59
C ASP B 54 -23.60 -20.38 18.28
N LEU B 55 -22.85 -21.46 18.50
CA LEU B 55 -21.40 -21.45 18.24
C LEU B 55 -21.15 -21.16 16.76
N ILE B 56 -21.89 -21.84 15.88
CA ILE B 56 -21.72 -21.66 14.45
C ILE B 56 -21.92 -20.23 13.98
N LYS B 57 -23.01 -19.59 14.42
CA LYS B 57 -23.27 -18.21 14.04
C LYS B 57 -22.23 -17.25 14.61
N SER B 58 -21.74 -17.54 15.81
CA SER B 58 -20.73 -16.71 16.43
C SER B 58 -19.42 -16.83 15.68
N LEU B 59 -18.98 -18.05 15.41
CA LEU B 59 -17.75 -18.24 14.68
C LEU B 59 -17.85 -17.63 13.28
N LYS B 60 -19.01 -17.77 12.63
CA LYS B 60 -19.17 -17.19 11.31
C LYS B 60 -19.04 -15.67 11.39
N TYR B 61 -19.50 -15.10 12.49
CA TYR B 61 -19.42 -13.65 12.67
C TYR B 61 -17.98 -13.14 12.78
N ILE B 62 -17.10 -13.92 13.40
CA ILE B 62 -15.72 -13.49 13.54
C ILE B 62 -14.81 -14.02 12.42
N GLY B 63 -15.43 -14.60 11.39
CA GLY B 63 -14.67 -15.09 10.23
C GLY B 63 -14.12 -16.51 10.21
N THR B 64 -14.29 -17.27 11.29
CA THR B 64 -13.77 -18.64 11.32
C THR B 64 -14.30 -19.44 10.14
N PRO B 65 -13.40 -20.08 9.38
CA PRO B 65 -13.89 -20.88 8.25
C PRO B 65 -14.68 -22.11 8.73
N LEU B 66 -15.73 -22.45 8.00
CA LEU B 66 -16.59 -23.57 8.35
C LEU B 66 -15.88 -24.83 8.82
N GLU B 67 -14.97 -25.36 8.02
CA GLU B 67 -14.26 -26.57 8.40
C GLU B 67 -13.56 -26.41 9.74
N GLU B 68 -13.21 -25.16 10.07
CA GLU B 68 -12.54 -24.88 11.32
C GLU B 68 -13.52 -25.06 12.47
N MET B 69 -14.79 -24.71 12.20
CA MET B 69 -15.84 -24.83 13.19
C MET B 69 -16.04 -26.27 13.68
N LYS B 70 -15.93 -27.23 12.77
CA LYS B 70 -16.08 -28.64 13.11
C LYS B 70 -15.20 -29.04 14.29
N LYS B 71 -13.97 -28.54 14.30
CA LYS B 71 -13.05 -28.89 15.38
C LYS B 71 -13.26 -28.00 16.60
N ALA B 72 -13.97 -26.90 16.42
CA ALA B 72 -14.22 -25.99 17.52
C ALA B 72 -15.40 -26.48 18.38
N GLN B 73 -16.31 -27.22 17.77
CA GLN B 73 -17.45 -27.69 18.53
C GLN B 73 -17.08 -28.92 19.34
N ASP B 74 -16.04 -29.62 18.89
CA ASP B 74 -15.58 -30.81 19.58
C ASP B 74 -14.74 -30.42 20.80
N LEU B 75 -14.22 -29.18 20.77
CA LEU B 75 -13.42 -28.72 21.93
C LEU B 75 -14.35 -28.46 23.12
N GLU B 76 -14.00 -27.68 24.13
CA GLU B 76 -14.97 -27.79 25.20
C GLU B 76 -15.15 -26.83 26.38
N MET B 77 -15.13 -25.52 26.20
CA MET B 77 -15.34 -24.58 27.31
C MET B 77 -14.03 -24.26 28.03
N GLU B 78 -13.11 -25.21 27.99
CA GLU B 78 -11.83 -24.99 28.60
C GLU B 78 -10.91 -24.61 27.45
N GLU B 79 -10.98 -25.42 26.40
CA GLU B 79 -10.20 -25.22 25.20
C GLU B 79 -10.84 -24.15 24.32
N LEU B 80 -12.16 -23.96 24.45
CA LEU B 80 -12.87 -22.96 23.66
C LEU B 80 -12.39 -21.59 24.10
N PHE B 81 -12.02 -21.50 25.37
CA PHE B 81 -11.51 -20.25 25.92
C PHE B 81 -10.21 -19.95 25.19
N ALA B 82 -9.35 -20.96 25.10
CA ALA B 82 -8.07 -20.84 24.42
C ALA B 82 -8.27 -20.49 22.96
N PHE B 83 -9.24 -21.15 22.33
CA PHE B 83 -9.58 -20.94 20.94
C PHE B 83 -9.86 -19.45 20.71
N TYR B 84 -10.68 -18.86 21.59
CA TYR B 84 -11.00 -17.44 21.48
C TYR B 84 -9.76 -16.58 21.62
N THR B 85 -8.86 -16.95 22.52
CA THR B 85 -7.63 -16.22 22.73
C THR B 85 -6.88 -16.13 21.41
N GLU B 86 -6.93 -17.21 20.64
CA GLU B 86 -6.28 -17.27 19.34
C GLU B 86 -6.98 -16.34 18.36
N GLN B 87 -8.31 -16.39 18.34
CA GLN B 87 -9.06 -15.53 17.43
C GLN B 87 -8.73 -14.07 17.74
N GLU B 88 -8.56 -13.75 19.03
CA GLU B 88 -8.22 -12.39 19.44
C GLU B 88 -6.90 -11.97 18.82
N ARG B 89 -5.89 -12.81 18.99
CA ARG B 89 -4.55 -12.56 18.47
C ARG B 89 -4.60 -12.32 16.96
N GLN B 90 -5.48 -13.05 16.28
CA GLN B 90 -5.64 -12.92 14.83
C GLN B 90 -6.39 -11.64 14.50
N ILE B 91 -7.23 -11.19 15.42
CA ILE B 91 -8.00 -9.97 15.21
C ILE B 91 -7.09 -8.75 15.38
N ARG B 92 -6.25 -8.75 16.41
CA ARG B 92 -5.33 -7.63 16.61
C ARG B 92 -4.35 -7.59 15.46
N GLU B 93 -4.09 -8.75 14.86
CA GLU B 93 -3.19 -8.84 13.73
C GLU B 93 -3.84 -8.03 12.61
N LYS B 94 -5.12 -8.30 12.36
CA LYS B 94 -5.89 -7.60 11.34
C LYS B 94 -5.93 -6.11 11.64
N LEU B 95 -6.18 -5.76 12.89
CA LEU B 95 -6.23 -4.37 13.32
C LEU B 95 -4.95 -3.62 13.04
N ASP B 96 -3.84 -4.19 13.50
CA ASP B 96 -2.54 -3.58 13.29
C ASP B 96 -2.33 -3.33 11.80
N PHE B 97 -2.64 -4.34 10.99
CA PHE B 97 -2.49 -4.22 9.56
C PHE B 97 -3.27 -3.03 9.02
N LEU B 98 -4.56 -2.95 9.36
CA LEU B 98 -5.42 -1.86 8.92
C LEU B 98 -4.93 -0.49 9.37
N SER B 99 -4.47 -0.40 10.61
CA SER B 99 -3.99 0.88 11.14
C SER B 99 -2.82 1.34 10.31
N ALA B 100 -1.87 0.43 10.09
CA ALA B 100 -0.69 0.75 9.29
C ALA B 100 -1.17 1.21 7.93
N LEU B 101 -2.02 0.38 7.32
CA LEU B 101 -2.58 0.68 6.01
C LEU B 101 -3.22 2.06 5.99
N GLU B 102 -3.97 2.36 7.04
CA GLU B 102 -4.64 3.65 7.14
C GLU B 102 -3.66 4.81 7.19
N GLN B 103 -2.52 4.58 7.83
CA GLN B 103 -1.50 5.62 7.95
C GLN B 103 -0.85 5.86 6.59
N THR B 104 -0.52 4.77 5.92
CA THR B 104 0.11 4.82 4.60
C THR B 104 -0.76 5.58 3.62
N ILE B 105 -2.00 5.13 3.43
CA ILE B 105 -2.91 5.79 2.49
C ILE B 105 -2.91 7.29 2.73
N SER B 106 -2.94 7.68 4.00
CA SER B 106 -2.95 9.09 4.35
C SER B 106 -1.71 9.83 3.85
N LEU B 107 -0.54 9.19 3.98
CA LEU B 107 0.71 9.80 3.52
C LEU B 107 0.71 9.90 1.99
N VAL B 108 0.27 8.84 1.33
CA VAL B 108 0.20 8.85 -0.13
C VAL B 108 -0.67 10.03 -0.54
N LYS B 109 -1.80 10.19 0.13
CA LYS B 109 -2.70 11.30 -0.16
C LYS B 109 -2.05 12.66 0.11
N LYS B 110 -1.28 12.74 1.19
CA LYS B 110 -0.63 14.00 1.53
C LYS B 110 0.31 14.41 0.40
N ARG B 111 1.21 13.50 0.01
CA ARG B 111 2.15 13.80 -1.07
C ARG B 111 1.39 14.04 -2.38
N MET B 112 0.36 13.24 -2.60
CA MET B 112 -0.45 13.34 -3.81
C MET B 112 -1.12 14.71 -3.92
N LYS B 113 -1.49 15.27 -2.77
CA LYS B 113 -2.15 16.57 -2.75
C LYS B 113 -1.15 17.68 -3.04
N ARG B 114 0.05 17.56 -2.48
CA ARG B 114 1.09 18.55 -2.69
C ARG B 114 1.37 18.80 -4.16
N GLN B 115 1.48 17.72 -4.94
CA GLN B 115 1.76 17.82 -6.37
C GLN B 115 0.58 18.43 -7.12
N MET B 116 -0.50 18.72 -6.39
CA MET B 116 -1.70 19.31 -6.98
C MET B 116 -1.84 20.76 -6.52
N GLU B 117 -1.14 21.11 -5.45
CA GLU B 117 -1.16 22.45 -4.89
C GLU B 117 -0.04 23.29 -5.50
N TYR B 118 0.88 22.61 -6.19
CA TYR B 118 2.03 23.27 -6.80
C TYR B 118 1.77 24.67 -7.37
N PRO B 119 2.57 25.66 -6.94
CA PRO B 119 2.53 27.07 -7.32
C PRO B 119 2.31 27.35 -8.80
N ALA B 120 3.08 26.70 -9.64
CA ALA B 120 2.95 26.89 -11.08
C ALA B 120 3.92 25.95 -11.78
N LEU B 121 3.57 25.57 -12.99
CA LEU B 121 4.41 24.68 -13.75
C LEU B 121 5.34 25.46 -14.68
N GLY B 122 6.54 24.94 -14.86
CA GLY B 122 7.51 25.58 -15.74
C GLY B 122 8.20 26.80 -15.16
N GLU B 123 7.88 27.13 -13.92
CA GLU B 123 8.52 28.28 -13.28
C GLU B 123 9.32 27.84 -12.07
N VAL B 124 10.48 28.46 -11.87
CA VAL B 124 11.31 28.14 -10.73
C VAL B 124 10.80 28.92 -9.52
N PHE B 125 10.79 28.29 -8.37
CA PHE B 125 10.37 28.98 -7.16
C PHE B 125 11.03 28.30 -5.95
N VAL B 126 11.22 29.08 -4.90
CA VAL B 126 11.85 28.57 -3.70
C VAL B 126 10.88 28.33 -2.57
N LEU B 127 10.95 27.16 -1.94
CA LEU B 127 10.07 26.88 -0.83
C LEU B 127 10.71 26.04 0.26
N ASP B 128 10.16 26.12 1.46
CA ASP B 128 10.68 25.38 2.59
C ASP B 128 10.03 24.01 2.59
N GLU B 129 10.84 22.98 2.43
CA GLU B 129 10.36 21.61 2.38
C GLU B 129 10.57 20.82 3.66
N GLU B 130 9.66 19.90 3.92
CA GLU B 130 9.78 19.05 5.08
C GLU B 130 10.65 17.90 4.55
N GLU B 131 11.33 17.17 5.44
CA GLU B 131 12.18 16.09 4.97
C GLU B 131 11.39 14.96 4.32
N ILE B 132 12.10 14.15 3.54
CA ILE B 132 11.50 13.00 2.84
C ILE B 132 12.46 11.81 2.95
N ARG B 133 12.05 10.78 3.69
CA ARG B 133 12.88 9.60 3.87
C ARG B 133 12.92 8.87 2.54
N ILE B 134 14.07 8.29 2.20
CA ILE B 134 14.20 7.55 0.95
C ILE B 134 15.22 6.44 1.10
N ILE B 135 15.17 5.54 0.12
CA ILE B 135 16.11 4.43 0.04
C ILE B 135 16.76 4.61 -1.35
N GLN B 136 18.08 4.63 -1.40
CA GLN B 136 18.77 4.82 -2.65
C GLN B 136 19.85 3.78 -2.89
N THR B 137 20.36 3.77 -4.12
CA THR B 137 21.41 2.84 -4.51
C THR B 137 22.19 3.62 -5.58
N GLU B 138 23.46 3.29 -5.82
CA GLU B 138 24.16 4.06 -6.83
C GLU B 138 23.63 3.79 -8.23
N ALA B 139 23.70 4.80 -9.11
CA ALA B 139 23.17 4.71 -10.46
C ALA B 139 23.99 3.95 -11.48
N GLU B 140 25.22 3.57 -11.13
CA GLU B 140 26.06 2.79 -12.03
C GLU B 140 25.94 3.15 -13.52
N GLY B 141 26.40 4.33 -13.92
CA GLY B 141 26.31 4.69 -15.32
C GLY B 141 24.99 5.27 -15.80
N ILE B 142 23.89 4.84 -15.20
CA ILE B 142 22.56 5.31 -15.58
C ILE B 142 22.45 6.85 -15.65
N GLY B 143 21.72 7.32 -16.64
CA GLY B 143 21.51 8.74 -16.82
C GLY B 143 20.10 8.93 -17.34
N PRO B 144 19.63 10.16 -17.53
CA PRO B 144 18.27 10.44 -18.02
C PRO B 144 17.91 9.68 -19.29
N GLU B 145 18.90 9.42 -20.13
CA GLU B 145 18.63 8.76 -21.41
C GLU B 145 18.54 7.25 -21.37
N ASN B 146 19.03 6.61 -20.31
CA ASN B 146 18.94 5.16 -20.30
C ASN B 146 18.33 4.50 -19.05
N VAL B 147 17.76 5.30 -18.13
CA VAL B 147 17.10 4.75 -16.94
C VAL B 147 15.91 3.92 -17.40
N LEU B 148 15.66 2.83 -16.71
CA LEU B 148 14.52 1.98 -17.05
C LEU B 148 13.72 1.75 -15.78
N ASN B 149 12.45 1.37 -15.93
CA ASN B 149 11.65 1.07 -14.77
C ASN B 149 12.34 -0.12 -14.08
N ALA B 150 12.82 -1.06 -14.88
CA ALA B 150 13.51 -2.23 -14.34
C ALA B 150 14.67 -1.84 -13.42
N SER B 151 15.29 -0.69 -13.70
CA SER B 151 16.41 -0.22 -12.91
C SER B 151 16.03 -0.08 -11.42
N TYR B 152 14.73 0.10 -11.16
CA TYR B 152 14.24 0.27 -9.79
C TYR B 152 13.75 -1.01 -9.12
N SER B 153 13.89 -2.14 -9.79
CA SER B 153 13.43 -3.42 -9.28
C SER B 153 13.79 -3.75 -7.82
N LYS B 154 15.08 -3.77 -7.49
CA LYS B 154 15.45 -4.10 -6.12
C LYS B 154 14.92 -3.06 -5.13
N LEU B 155 15.07 -1.78 -5.45
CA LEU B 155 14.55 -0.75 -4.55
C LEU B 155 13.06 -0.97 -4.28
N LYS B 156 12.29 -1.19 -5.34
CA LYS B 156 10.86 -1.41 -5.19
C LYS B 156 10.54 -2.66 -4.39
N LYS B 157 11.24 -3.77 -4.67
CA LYS B 157 11.00 -5.03 -3.94
C LYS B 157 11.11 -4.76 -2.46
N PHE B 158 12.08 -3.92 -2.11
CA PHE B 158 12.35 -3.57 -0.74
C PHE B 158 11.29 -2.70 -0.09
N ILE B 159 10.94 -1.59 -0.73
CA ILE B 159 9.92 -0.71 -0.19
C ILE B 159 8.59 -1.44 -0.09
N GLU B 160 8.27 -2.23 -1.10
CA GLU B 160 7.04 -2.99 -1.12
C GLU B 160 6.92 -3.85 0.13
N SER B 161 8.04 -4.42 0.55
CA SER B 161 8.08 -5.27 1.73
C SER B 161 7.83 -4.52 3.04
N ALA B 162 8.09 -3.23 3.06
CA ALA B 162 7.89 -2.44 4.28
C ALA B 162 6.62 -1.60 4.24
N ASP B 163 6.24 -1.16 3.05
CA ASP B 163 5.06 -0.31 2.89
C ASP B 163 3.82 -1.04 2.38
N GLY B 164 4.02 -2.15 1.67
CA GLY B 164 2.90 -2.87 1.11
C GLY B 164 2.48 -2.06 -0.12
N PHE B 165 2.24 -0.77 0.12
CA PHE B 165 1.87 0.16 -0.92
C PHE B 165 3.17 0.51 -1.65
N THR B 166 3.39 -0.09 -2.83
CA THR B 166 4.62 0.18 -3.56
C THR B 166 4.74 1.68 -3.88
N ASN B 167 5.95 2.13 -4.19
CA ASN B 167 6.19 3.54 -4.49
C ASN B 167 5.40 4.07 -5.67
N ASN B 168 5.14 5.38 -5.64
CA ASN B 168 4.43 6.01 -6.72
C ASN B 168 5.43 6.85 -7.51
N SER B 169 6.38 7.46 -6.81
CA SER B 169 7.37 8.30 -7.48
C SER B 169 8.74 7.66 -7.64
N TYR B 170 9.40 8.01 -8.74
CA TYR B 170 10.73 7.50 -9.02
C TYR B 170 11.70 8.65 -8.90
N GLY B 171 12.82 8.41 -8.23
CA GLY B 171 13.79 9.46 -8.05
C GLY B 171 15.18 9.19 -8.59
N ALA B 172 15.94 10.26 -8.75
CA ALA B 172 17.33 10.17 -9.21
C ALA B 172 18.01 11.45 -8.75
N THR B 173 19.33 11.41 -8.65
CA THR B 173 20.07 12.59 -8.23
C THR B 173 21.24 12.76 -9.17
N PHE B 174 21.73 13.98 -9.25
CA PHE B 174 22.89 14.24 -10.07
C PHE B 174 23.55 15.52 -9.61
N SER B 175 24.84 15.62 -9.84
CA SER B 175 25.64 16.77 -9.45
C SER B 175 25.16 18.07 -10.11
N PHE B 176 25.03 19.12 -9.31
CA PHE B 176 24.61 20.41 -9.86
C PHE B 176 25.79 20.98 -10.63
N GLN B 177 25.68 20.97 -11.95
CA GLN B 177 26.71 21.47 -12.84
C GLN B 177 26.06 22.35 -13.90
N PRO B 178 26.84 23.25 -14.50
CA PRO B 178 26.23 24.09 -15.54
C PRO B 178 26.33 23.29 -16.83
N TYR B 179 25.52 22.23 -16.92
CA TYR B 179 25.53 21.36 -18.09
C TYR B 179 25.12 22.12 -19.35
N THR B 180 25.58 21.64 -20.50
CA THR B 180 25.25 22.26 -21.77
C THR B 180 24.53 21.24 -22.63
N SER B 181 24.41 20.02 -22.11
CA SER B 181 23.76 18.95 -22.84
C SER B 181 23.37 17.73 -21.98
N ILE B 182 22.22 17.15 -22.30
CA ILE B 182 21.73 15.97 -21.58
C ILE B 182 22.80 14.88 -21.48
N ASP B 183 23.45 14.57 -22.60
CA ASP B 183 24.44 13.51 -22.58
C ASP B 183 25.58 13.75 -21.61
N GLU B 184 25.71 14.98 -21.14
CA GLU B 184 26.76 15.29 -20.17
C GLU B 184 26.30 14.83 -18.79
N MET B 185 25.01 14.63 -18.63
CA MET B 185 24.42 14.22 -17.36
C MET B 185 24.50 12.72 -17.03
N THR B 186 24.84 12.43 -15.77
CA THR B 186 24.87 11.06 -15.29
C THR B 186 24.31 11.07 -13.87
N TYR B 187 23.45 10.12 -13.56
CA TYR B 187 22.87 10.05 -12.23
C TYR B 187 23.88 9.53 -11.19
N ARG B 188 23.80 10.04 -9.98
CA ARG B 188 24.68 9.58 -8.91
C ARG B 188 23.90 8.43 -8.26
N HIS B 189 22.67 8.70 -7.86
CA HIS B 189 21.84 7.65 -7.27
C HIS B 189 20.46 7.70 -7.90
N ILE B 190 19.74 6.59 -7.79
CA ILE B 190 18.34 6.53 -8.20
C ILE B 190 17.70 6.16 -6.86
N PHE B 191 16.50 6.66 -6.59
CA PHE B 191 15.89 6.34 -5.30
C PHE B 191 14.39 6.30 -5.39
N THR B 192 13.78 5.75 -4.34
CA THR B 192 12.34 5.65 -4.21
C THR B 192 12.09 6.09 -2.79
N PRO B 193 11.12 6.97 -2.56
CA PRO B 193 10.88 7.38 -1.18
C PRO B 193 10.18 6.28 -0.40
N VAL B 194 10.41 6.23 0.92
CA VAL B 194 9.78 5.22 1.79
C VAL B 194 8.61 5.87 2.50
N LEU B 195 7.56 5.10 2.77
CA LEU B 195 6.37 5.64 3.42
C LEU B 195 6.15 5.08 4.82
N THR B 196 7.04 4.22 5.27
CA THR B 196 6.86 3.61 6.58
C THR B 196 8.11 3.59 7.46
N ASN B 197 7.88 3.75 8.76
CA ASN B 197 8.96 3.73 9.73
C ASN B 197 9.08 2.27 10.18
N LYS B 198 8.49 1.39 9.38
CA LYS B 198 8.49 -0.04 9.63
C LYS B 198 9.91 -0.58 9.50
N GLN B 199 10.48 -0.98 10.63
CA GLN B 199 11.85 -1.50 10.65
C GLN B 199 12.19 -2.33 9.43
N ILE B 200 12.76 -1.63 8.46
CA ILE B 200 13.20 -2.17 7.19
C ILE B 200 13.66 -3.63 7.25
N SER B 201 12.98 -4.47 6.46
CA SER B 201 13.26 -5.90 6.41
C SER B 201 14.68 -6.25 6.00
N SER B 202 15.60 -6.22 6.96
CA SER B 202 17.00 -6.54 6.70
C SER B 202 17.52 -6.02 5.36
N ILE B 203 17.84 -4.73 5.35
CA ILE B 203 18.34 -4.06 4.15
C ILE B 203 19.76 -4.49 3.82
N THR B 204 19.99 -4.79 2.54
CA THR B 204 21.31 -5.18 2.10
C THR B 204 22.20 -3.92 2.00
N PRO B 205 23.52 -4.08 2.13
CA PRO B 205 24.39 -2.90 2.05
C PRO B 205 24.53 -2.17 0.71
N ASP B 206 23.94 -2.67 -0.37
CA ASP B 206 24.05 -1.93 -1.63
C ASP B 206 22.97 -0.87 -1.68
N MET B 207 22.20 -0.78 -0.60
CA MET B 207 21.13 0.20 -0.46
C MET B 207 21.46 1.09 0.71
N GLU B 208 20.99 2.32 0.66
CA GLU B 208 21.25 3.28 1.72
C GLU B 208 19.95 3.93 2.13
N ILE B 209 19.67 3.92 3.41
CA ILE B 209 18.48 4.58 3.92
C ILE B 209 19.00 5.98 4.24
N THR B 210 18.40 6.98 3.62
CA THR B 210 18.85 8.32 3.88
C THR B 210 17.68 9.28 3.75
N THR B 211 17.96 10.52 3.39
CA THR B 211 16.87 11.46 3.31
C THR B 211 17.15 12.67 2.44
N ILE B 212 16.07 13.27 1.92
CA ILE B 212 16.17 14.51 1.17
C ILE B 212 15.80 15.36 2.39
N PRO B 213 16.79 16.01 3.00
CA PRO B 213 16.61 16.84 4.19
C PRO B 213 15.69 18.03 4.13
N LYS B 214 15.14 18.36 5.30
CA LYS B 214 14.28 19.52 5.47
C LYS B 214 15.19 20.71 5.14
N GLY B 215 14.63 21.74 4.51
CA GLY B 215 15.44 22.90 4.15
C GLY B 215 14.80 23.75 3.06
N ARG B 216 15.56 24.70 2.52
CA ARG B 216 15.05 25.56 1.46
C ARG B 216 15.49 24.98 0.15
N TYR B 217 14.54 24.82 -0.76
CA TYR B 217 14.84 24.27 -2.07
C TYR B 217 14.38 25.16 -3.23
N ALA B 218 15.18 25.18 -4.28
CA ALA B 218 14.84 25.90 -5.50
C ALA B 218 14.25 24.78 -6.35
N CYS B 219 12.96 24.88 -6.66
CA CYS B 219 12.30 23.83 -7.44
C CYS B 219 11.62 24.29 -8.72
N ILE B 220 11.26 23.31 -9.53
CA ILE B 220 10.54 23.53 -10.77
C ILE B 220 9.84 22.21 -11.08
N ALA B 221 8.55 22.27 -11.36
CA ALA B 221 7.77 21.08 -11.68
C ALA B 221 7.07 21.32 -12.99
N TYR B 222 6.79 20.25 -13.73
CA TYR B 222 6.13 20.39 -15.01
C TYR B 222 5.74 19.03 -15.54
N ASN B 223 4.91 19.03 -16.58
CA ASN B 223 4.49 17.78 -17.17
C ASN B 223 5.52 17.46 -18.22
N PHE B 224 6.10 16.26 -18.11
CA PHE B 224 7.14 15.83 -19.01
C PHE B 224 6.89 15.95 -20.50
N SER B 225 7.96 16.33 -21.19
CA SER B 225 8.01 16.53 -22.62
C SER B 225 9.49 16.63 -22.89
N PRO B 226 10.04 15.71 -23.69
CA PRO B 226 11.47 15.72 -24.01
C PRO B 226 12.07 17.13 -24.21
N GLU B 227 11.52 17.89 -25.15
CA GLU B 227 12.04 19.21 -25.43
C GLU B 227 11.61 20.21 -24.37
N HIS B 228 11.74 19.81 -23.11
CA HIS B 228 11.37 20.64 -21.97
C HIS B 228 12.24 20.21 -20.80
N TYR B 229 12.64 18.95 -20.82
CA TYR B 229 13.47 18.40 -19.75
C TYR B 229 14.71 19.24 -19.53
N PHE B 230 15.56 19.35 -20.56
CA PHE B 230 16.78 20.13 -20.42
C PHE B 230 16.56 21.63 -20.22
N LEU B 231 15.52 22.19 -20.82
CA LEU B 231 15.23 23.62 -20.68
C LEU B 231 14.88 23.97 -19.24
N ASN B 232 14.08 23.13 -18.59
CA ASN B 232 13.69 23.43 -17.22
C ASN B 232 14.89 23.33 -16.30
N LEU B 233 15.79 22.39 -16.60
CA LEU B 233 16.99 22.23 -15.82
C LEU B 233 17.73 23.56 -15.93
N GLN B 234 17.84 24.06 -17.16
CA GLN B 234 18.52 25.33 -17.44
C GLN B 234 17.90 26.51 -16.69
N LYS B 235 16.58 26.52 -16.59
CA LYS B 235 15.92 27.60 -15.87
C LYS B 235 16.37 27.57 -14.43
N LEU B 236 16.56 26.36 -13.91
CA LEU B 236 16.98 26.17 -12.52
C LEU B 236 18.41 26.69 -12.38
N ILE B 237 19.27 26.30 -13.30
CA ILE B 237 20.65 26.72 -13.28
C ILE B 237 20.74 28.24 -13.35
N LYS B 238 19.98 28.82 -14.27
CA LYS B 238 19.98 30.27 -14.43
C LYS B 238 19.43 30.95 -13.19
N TYR B 239 18.30 30.47 -12.71
CA TYR B 239 17.68 31.05 -11.51
C TYR B 239 18.69 31.14 -10.39
N ILE B 240 19.39 30.03 -10.13
CA ILE B 240 20.38 29.99 -9.06
C ILE B 240 21.56 30.94 -9.31
N ALA B 241 22.02 31.01 -10.55
CA ALA B 241 23.13 31.90 -10.87
C ALA B 241 22.70 33.36 -10.74
N ASP B 242 21.60 33.72 -11.38
CA ASP B 242 21.11 35.10 -11.33
C ASP B 242 21.01 35.65 -9.91
N ARG B 243 20.42 34.91 -8.99
CA ARG B 243 20.33 35.43 -7.64
C ARG B 243 21.48 34.99 -6.74
N GLN B 244 22.55 34.49 -7.36
CA GLN B 244 23.75 34.03 -6.65
C GLN B 244 23.48 33.14 -5.44
N LEU B 245 22.62 32.14 -5.60
CA LEU B 245 22.32 31.24 -4.50
C LEU B 245 23.41 30.18 -4.35
N THR B 246 23.53 29.64 -3.14
CA THR B 246 24.52 28.61 -2.84
C THR B 246 23.85 27.24 -2.77
N VAL B 247 24.23 26.36 -3.70
CA VAL B 247 23.66 25.02 -3.75
C VAL B 247 24.39 24.12 -2.75
N VAL B 248 23.62 23.41 -1.93
CA VAL B 248 24.21 22.53 -0.93
C VAL B 248 23.68 21.10 -0.99
N SER B 249 23.42 20.60 -2.20
CA SER B 249 22.94 19.24 -2.40
C SER B 249 22.98 18.93 -3.88
N ASP B 250 22.75 17.66 -4.22
CA ASP B 250 22.66 17.24 -5.61
C ASP B 250 21.31 17.78 -6.10
N VAL B 251 21.04 17.66 -7.39
CA VAL B 251 19.74 18.06 -7.89
C VAL B 251 18.89 16.81 -7.62
N TYR B 252 17.73 16.98 -7.02
CA TYR B 252 16.86 15.82 -6.78
C TYR B 252 15.82 15.84 -7.90
N GLU B 253 15.61 14.68 -8.51
CA GLU B 253 14.67 14.56 -9.60
C GLU B 253 13.63 13.51 -9.23
N LEU B 254 12.36 13.88 -9.37
CA LEU B 254 11.26 12.96 -9.05
C LEU B 254 10.27 12.92 -10.19
N ILE B 255 9.90 11.70 -10.57
CA ILE B 255 8.98 11.47 -11.65
C ILE B 255 7.79 10.71 -11.12
N ILE B 256 6.59 11.20 -11.42
CA ILE B 256 5.41 10.50 -10.99
C ILE B 256 4.39 10.50 -12.11
N PRO B 257 3.85 9.31 -12.44
CA PRO B 257 2.86 9.21 -13.52
C PRO B 257 1.59 9.97 -13.14
N ILE B 258 1.01 10.65 -14.12
CA ILE B 258 -0.21 11.41 -13.92
C ILE B 258 -1.46 10.50 -13.88
N HIS B 259 -1.31 9.30 -14.43
CA HIS B 259 -2.40 8.31 -14.46
C HIS B 259 -1.76 6.97 -14.80
N TYR B 260 -2.46 5.86 -14.56
CA TYR B 260 -1.91 4.55 -14.86
C TYR B 260 -2.78 3.81 -15.88
N SER B 261 -3.37 4.58 -16.79
CA SER B 261 -4.23 4.02 -17.81
C SER B 261 -3.48 3.52 -19.04
N PRO B 262 -3.59 2.22 -19.33
CA PRO B 262 -2.91 1.63 -20.49
C PRO B 262 -3.62 2.07 -21.78
N LYS B 263 -4.77 2.71 -21.60
CA LYS B 263 -5.60 3.16 -22.71
C LYS B 263 -5.25 4.53 -23.27
N LYS B 264 -4.85 5.47 -22.40
CA LYS B 264 -4.48 6.81 -22.86
C LYS B 264 -2.97 7.02 -22.93
N GLN B 265 -2.56 8.05 -23.66
CA GLN B 265 -1.15 8.36 -23.80
C GLN B 265 -0.56 8.63 -22.43
N GLU B 266 0.50 7.91 -22.08
CA GLU B 266 1.11 8.09 -20.77
C GLU B 266 1.68 9.49 -20.60
N GLU B 267 1.54 10.01 -19.39
CA GLU B 267 2.02 11.34 -19.07
C GLU B 267 2.63 11.34 -17.68
N TYR B 268 3.68 12.15 -17.48
CA TYR B 268 4.34 12.20 -16.19
C TYR B 268 4.59 13.59 -15.65
N ARG B 269 4.58 13.69 -14.34
CA ARG B 269 4.89 14.96 -13.69
C ARG B 269 6.37 14.83 -13.32
N VAL B 270 7.15 15.87 -13.58
CA VAL B 270 8.56 15.84 -13.27
C VAL B 270 8.86 16.98 -12.32
N GLU B 271 9.75 16.73 -11.38
CA GLU B 271 10.11 17.76 -10.43
C GLU B 271 11.58 17.72 -10.10
N MET B 272 12.21 18.88 -10.17
CA MET B 272 13.62 19.02 -9.85
C MET B 272 13.71 20.04 -8.73
N LYS B 273 14.45 19.67 -7.67
CA LYS B 273 14.65 20.54 -6.54
C LYS B 273 16.10 20.40 -6.12
N ILE B 274 16.65 21.47 -5.59
CA ILE B 274 18.02 21.52 -5.17
C ILE B 274 18.08 22.43 -3.93
N GLU B 275 18.66 21.94 -2.84
CA GLU B 275 18.70 22.73 -1.62
C GLU B 275 19.67 23.91 -1.72
N ILE B 276 19.26 25.05 -1.18
CA ILE B 276 20.09 26.25 -1.23
C ILE B 276 20.14 26.90 0.14
N LEU B 277 21.06 27.85 0.29
CA LEU B 277 21.20 28.56 1.55
C LEU B 277 20.62 29.97 1.59
N ASP B 278 21.38 30.95 1.09
CA ASP B 278 21.00 32.37 1.07
C ASP B 278 19.66 32.68 0.40
#